data_3BED
#
_entry.id   3BED
#
_cell.length_a   106.059
_cell.length_b   37.503
_cell.length_c   76.993
_cell.angle_alpha   90.00
_cell.angle_beta   121.49
_cell.angle_gamma   90.00
#
_symmetry.space_group_name_H-M   'C 1 2 1'
#
loop_
_entity.id
_entity.type
_entity.pdbx_description
1 polymer 'PTS system, IIA component'
2 water water
#
_entity_poly.entity_id   1
_entity_poly.type   'polypeptide(L)'
_entity_poly.pdbx_seq_one_letter_code
;SNA(MSE)(MLY)PKLIL(MSE)SHGR(MSE)AEETLASTQ(MSE)IVGELADAAIVS(MSE)TAEDGLSGTQAKLAAIL
KEAGNVPTLVLADL(MLY)GGTPCNVA(MSE)(MSE)A(MSE)GTYPQLRVVAGLNLA(MSE)AIEAAVSPVENVDELAA
YLTQIGQSAVTTIDLPELTDEEEFEE
;
_entity_poly.pdbx_strand_id   A,B
#
# COMPACT_ATOMS: atom_id res chain seq x y z
N MSE A 4 -4.05 -17.39 -9.86
N MSE A 4 -4.08 -17.80 -9.73
CA MSE A 4 -5.51 -17.58 -9.96
CA MSE A 4 -5.54 -17.68 -10.00
C MSE A 4 -5.91 -17.62 -11.43
C MSE A 4 -5.80 -17.30 -11.44
O MSE A 4 -5.19 -18.20 -12.24
O MSE A 4 -4.87 -17.24 -12.23
CB MSE A 4 -6.25 -16.47 -9.23
CB MSE A 4 -6.17 -16.63 -9.10
CG MSE A 4 -6.57 -15.23 -10.05
CG MSE A 4 -7.61 -16.31 -9.47
SE MSE A 4 -5.20 -13.87 -10.16
SE MSE A 4 -8.14 -14.48 -9.10
CE MSE A 4 -5.97 -12.78 -8.74
CE MSE A 4 -6.49 -13.55 -9.60
N MLY A 5 -7.07 -17.03 -11.75
CA MLY A 5 -7.53 -16.81 -13.14
CB MLY A 5 -7.49 -18.16 -13.84
CG MLY A 5 -7.93 -18.22 -15.28
CD MLY A 5 -7.40 -19.63 -15.64
CE MLY A 5 -7.81 -20.19 -16.99
NZ MLY A 5 -6.73 -21.14 -17.38
CH1 MLY A 5 -6.52 -21.35 -18.81
CH2 MLY A 5 -7.00 -22.43 -16.73
C MLY A 5 -6.71 -15.71 -13.81
O MLY A 5 -5.69 -15.96 -14.50
N PRO A 6 -7.13 -14.47 -13.58
CA PRO A 6 -6.41 -13.34 -14.16
C PRO A 6 -4.93 -13.24 -13.79
N LYS A 7 -4.09 -12.86 -14.77
CA LYS A 7 -2.73 -12.49 -14.46
C LYS A 7 -2.70 -11.18 -13.62
N LEU A 8 -1.73 -11.10 -12.72
CA LEU A 8 -1.57 -9.90 -11.87
C LEU A 8 -0.33 -9.12 -12.23
N ILE A 9 -0.48 -7.80 -12.16
CA ILE A 9 0.65 -6.88 -12.39
C ILE A 9 0.54 -5.85 -11.27
N LEU A 10 1.62 -5.62 -10.55
CA LEU A 10 1.63 -4.49 -9.57
C LEU A 10 2.52 -3.42 -10.12
N MSE A 11 2.06 -2.17 -10.05
CA MSE A 11 2.79 -1.06 -10.66
C MSE A 11 2.88 0.07 -9.68
O MSE A 11 1.89 0.42 -9.02
CB MSE A 11 2.05 -0.51 -11.91
CG MSE A 11 1.86 -1.53 -12.98
SE MSE A 11 1.17 -0.68 -14.62
CE MSE A 11 2.62 0.35 -15.12
N SER A 12 4.06 0.68 -9.64
CA SER A 12 4.19 1.84 -8.76
C SER A 12 5.27 2.80 -9.16
N HIS A 13 5.22 4.01 -8.58
CA HIS A 13 6.42 4.83 -8.49
C HIS A 13 7.44 4.03 -7.70
N GLY A 14 8.70 4.00 -8.18
CA GLY A 14 9.77 3.38 -7.42
C GLY A 14 9.49 1.88 -7.20
N ARG A 15 9.96 1.39 -6.07
CA ARG A 15 10.00 -0.08 -5.82
C ARG A 15 8.93 -0.49 -4.83
N MSE A 16 7.93 0.36 -4.60
CA MSE A 16 6.89 0.00 -3.66
C MSE A 16 6.14 -1.29 -4.09
O MSE A 16 5.82 -2.17 -3.26
CB MSE A 16 5.91 1.17 -3.52
CG MSE A 16 4.76 0.86 -2.60
SE MSE A 16 3.50 2.34 -2.66
CE MSE A 16 2.25 1.73 -1.25
N ALA A 17 5.80 -1.38 -5.39
CA ALA A 17 5.05 -2.55 -5.87
C ALA A 17 5.93 -3.79 -5.69
N GLU A 18 7.20 -3.66 -6.06
CA GLU A 18 8.14 -4.78 -5.95
CA GLU A 18 8.09 -4.81 -5.97
C GLU A 18 8.13 -5.33 -4.53
N GLU A 19 8.27 -4.44 -3.54
CA GLU A 19 8.35 -4.92 -2.16
C GLU A 19 6.99 -5.36 -1.64
N THR A 20 5.91 -4.80 -2.19
CA THR A 20 4.58 -5.27 -1.83
C THR A 20 4.43 -6.75 -2.23
N LEU A 21 4.85 -7.10 -3.44
CA LEU A 21 4.82 -8.51 -3.85
C LEU A 21 5.69 -9.38 -2.92
N ALA A 22 6.90 -8.92 -2.63
CA ALA A 22 7.82 -9.70 -1.75
C ALA A 22 7.17 -9.97 -0.40
N SER A 23 6.58 -8.93 0.17
CA SER A 23 5.87 -9.07 1.46
C SER A 23 4.68 -10.04 1.35
N THR A 24 3.92 -9.93 0.26
CA THR A 24 2.80 -10.84 0.01
CA THR A 24 2.79 -10.84 0.06
C THR A 24 3.27 -12.29 -0.03
N GLN A 25 4.39 -12.52 -0.72
CA GLN A 25 4.83 -13.92 -0.84
C GLN A 25 5.21 -14.46 0.55
N MSE A 26 5.70 -13.59 1.41
CA MSE A 26 6.09 -14.01 2.76
C MSE A 26 4.92 -14.27 3.72
O MSE A 26 5.10 -14.81 4.81
CB MSE A 26 7.10 -13.05 3.36
CG MSE A 26 8.49 -13.11 2.66
SE MSE A 26 9.48 -14.70 3.25
CE MSE A 26 9.89 -14.10 5.07
N ILE A 27 3.72 -13.90 3.28
CA ILE A 27 2.50 -14.05 4.04
C ILE A 27 1.68 -15.22 3.49
N VAL A 28 1.56 -15.27 2.15
CA VAL A 28 0.69 -16.30 1.50
C VAL A 28 1.47 -17.45 0.88
N GLY A 29 2.78 -17.27 0.69
CA GLY A 29 3.56 -18.30 0.09
C GLY A 29 4.00 -18.08 -1.32
N GLU A 30 4.76 -19.05 -1.80
CA GLU A 30 5.47 -18.90 -3.06
C GLU A 30 4.51 -18.82 -4.23
N LEU A 31 3.25 -19.18 -4.04
CA LEU A 31 2.31 -19.14 -5.16
C LEU A 31 1.86 -17.73 -5.51
N ALA A 32 2.15 -16.75 -4.64
CA ALA A 32 1.81 -15.35 -4.95
C ALA A 32 2.71 -14.89 -6.06
N ASP A 33 2.11 -14.54 -7.20
CA ASP A 33 2.88 -14.18 -8.36
C ASP A 33 2.27 -12.99 -9.09
N ALA A 34 3.14 -12.09 -9.51
CA ALA A 34 2.71 -10.91 -10.27
C ALA A 34 3.89 -10.40 -11.02
N ALA A 35 3.62 -9.85 -12.20
CA ALA A 35 4.66 -9.04 -12.86
C ALA A 35 4.69 -7.69 -12.15
N ILE A 36 5.81 -6.98 -12.31
CA ILE A 36 5.99 -5.71 -11.61
C ILE A 36 6.44 -4.66 -12.59
N VAL A 37 5.87 -3.46 -12.50
CA VAL A 37 6.48 -2.25 -13.12
C VAL A 37 6.87 -1.28 -12.02
N SER A 38 8.17 -1.00 -11.98
CA SER A 38 8.79 -0.07 -11.05
C SER A 38 9.21 1.15 -11.84
N MSE A 39 8.44 2.24 -11.73
CA MSE A 39 8.79 3.43 -12.50
C MSE A 39 9.85 4.23 -11.75
O MSE A 39 9.59 4.78 -10.69
CB MSE A 39 7.57 4.34 -12.74
CG MSE A 39 7.96 5.57 -13.56
SE MSE A 39 6.47 6.81 -13.77
CE MSE A 39 6.51 7.48 -12.03
N THR A 40 11.03 4.30 -12.30
CA THR A 40 12.09 5.03 -11.61
C THR A 40 12.02 6.52 -11.95
N ALA A 41 12.86 7.31 -11.28
CA ALA A 41 12.90 8.74 -11.53
C ALA A 41 13.35 9.06 -12.96
N GLU A 42 14.01 8.09 -13.61
CA GLU A 42 14.46 8.29 -14.99
C GLU A 42 13.50 7.79 -16.05
N ASP A 43 12.43 7.10 -15.64
CA ASP A 43 11.55 6.49 -16.64
C ASP A 43 10.66 7.47 -17.36
N GLY A 44 9.86 8.23 -16.61
CA GLY A 44 8.88 9.05 -17.36
C GLY A 44 7.92 8.27 -18.26
N LEU A 45 7.18 8.96 -19.11
CA LEU A 45 6.04 8.33 -19.78
C LEU A 45 6.43 7.19 -20.74
N SER A 46 7.36 7.46 -21.63
CA SER A 46 7.70 6.48 -22.65
CA SER A 46 7.72 6.48 -22.65
C SER A 46 8.32 5.25 -22.02
N GLY A 47 9.17 5.43 -21.01
CA GLY A 47 9.84 4.26 -20.39
C GLY A 47 8.86 3.41 -19.60
N THR A 48 7.90 4.07 -18.95
CA THR A 48 6.88 3.37 -18.19
C THR A 48 5.97 2.60 -19.16
N GLN A 49 5.54 3.27 -20.22
CA GLN A 49 4.72 2.62 -21.25
C GLN A 49 5.43 1.38 -21.80
N ALA A 50 6.72 1.52 -22.03
CA ALA A 50 7.46 0.41 -22.63
C ALA A 50 7.56 -0.76 -21.66
N LYS A 51 7.74 -0.47 -20.36
CA LYS A 51 7.85 -1.55 -19.38
C LYS A 51 6.53 -2.32 -19.29
N LEU A 52 5.41 -1.60 -19.22
CA LEU A 52 4.15 -2.32 -19.17
C LEU A 52 3.91 -3.07 -20.50
N ALA A 53 4.28 -2.43 -21.61
CA ALA A 53 3.98 -3.04 -22.94
C ALA A 53 4.73 -4.38 -23.06
N ALA A 54 5.96 -4.45 -22.54
CA ALA A 54 6.74 -5.69 -22.62
C ALA A 54 6.03 -6.84 -21.92
N ILE A 55 5.43 -6.55 -20.77
CA ILE A 55 4.70 -7.54 -20.00
C ILE A 55 3.39 -7.92 -20.71
N LEU A 56 2.64 -6.92 -21.16
CA LEU A 56 1.33 -7.20 -21.77
C LEU A 56 1.47 -7.91 -23.13
N LYS A 57 2.50 -7.55 -23.87
CA LYS A 57 2.76 -8.16 -25.18
CA LYS A 57 2.74 -8.15 -25.18
C LYS A 57 3.14 -9.63 -25.02
N GLU A 58 3.91 -9.91 -23.98
CA GLU A 58 4.36 -11.27 -23.69
CA GLU A 58 4.36 -11.26 -23.63
C GLU A 58 3.15 -12.16 -23.39
N ALA A 59 2.15 -11.61 -22.68
CA ALA A 59 1.00 -12.40 -22.25
C ALA A 59 -0.15 -12.48 -23.27
N GLY A 60 -0.20 -11.56 -24.20
CA GLY A 60 -1.33 -11.48 -25.15
C GLY A 60 -2.68 -11.21 -24.49
N ASN A 61 -3.75 -11.63 -25.16
CA ASN A 61 -5.11 -11.30 -24.78
C ASN A 61 -5.62 -12.21 -23.69
N VAL A 62 -5.00 -12.08 -22.52
CA VAL A 62 -5.36 -12.86 -21.34
CA VAL A 62 -5.40 -12.86 -21.36
C VAL A 62 -5.99 -11.94 -20.27
N PRO A 63 -7.04 -12.39 -19.58
CA PRO A 63 -7.54 -11.57 -18.46
C PRO A 63 -6.44 -11.20 -17.48
N THR A 64 -6.34 -9.90 -17.21
CA THR A 64 -5.23 -9.34 -16.45
C THR A 64 -5.70 -8.22 -15.56
N LEU A 65 -5.18 -8.14 -14.32
CA LEU A 65 -5.49 -7.02 -13.45
CA LEU A 65 -5.50 -7.03 -13.43
C LEU A 65 -4.22 -6.34 -13.04
N VAL A 66 -4.21 -5.02 -13.23
CA VAL A 66 -3.12 -4.19 -12.72
C VAL A 66 -3.61 -3.62 -11.39
N LEU A 67 -2.78 -3.75 -10.36
CA LEU A 67 -3.00 -3.04 -9.08
C LEU A 67 -1.99 -1.93 -9.07
N ALA A 68 -2.46 -0.67 -9.16
CA ALA A 68 -1.54 0.48 -9.29
C ALA A 68 -1.48 1.21 -7.98
N ASP A 69 -0.33 1.82 -7.72
CA ASP A 69 -0.19 2.54 -6.44
C ASP A 69 -1.15 3.69 -6.26
N LEU A 70 -1.31 4.55 -7.28
CA LEU A 70 -1.92 5.85 -7.02
C LEU A 70 -2.66 6.35 -8.26
N MLY A 71 -3.95 6.53 -8.12
CA MLY A 71 -4.71 7.23 -9.12
CB MLY A 71 -6.16 7.30 -8.77
CG MLY A 71 -7.08 7.83 -9.89
CD MLY A 71 -8.55 7.85 -9.43
CE MLY A 71 -9.42 8.70 -10.35
NZ MLY A 71 -10.84 8.52 -10.07
CH1 MLY A 71 -11.58 9.03 -11.25
CH2 MLY A 71 -11.18 9.29 -8.85
C MLY A 71 -4.20 8.48 -9.62
O MLY A 71 -3.75 9.31 -8.80
N GLY A 72 -4.12 8.65 -10.95
CA GLY A 72 -3.62 9.93 -11.50
C GLY A 72 -2.10 10.01 -11.65
N GLY A 73 -1.38 9.09 -11.03
CA GLY A 73 0.04 9.01 -11.30
C GLY A 73 0.38 8.34 -12.62
N THR A 74 1.58 8.63 -13.11
CA THR A 74 1.99 8.08 -14.40
C THR A 74 1.82 6.56 -14.48
N PRO A 75 2.25 5.83 -13.43
CA PRO A 75 2.04 4.35 -13.54
C PRO A 75 0.57 3.99 -13.79
N CYS A 76 -0.33 4.55 -12.97
CA CYS A 76 -1.74 4.29 -13.15
C CYS A 76 -2.26 4.77 -14.53
N ASN A 77 -1.84 5.97 -14.95
CA ASN A 77 -2.29 6.46 -16.28
C ASN A 77 -1.85 5.53 -17.41
N VAL A 78 -0.65 5.01 -17.29
CA VAL A 78 -0.10 4.12 -18.31
C VAL A 78 -0.92 2.82 -18.38
N ALA A 79 -1.31 2.28 -17.20
CA ALA A 79 -2.16 1.09 -17.11
C ALA A 79 -3.51 1.40 -17.75
N MSE A 80 -4.11 2.55 -17.40
CA MSE A 80 -5.39 2.96 -17.96
CA MSE A 80 -5.41 2.87 -17.97
C MSE A 80 -5.32 3.04 -19.50
O MSE A 80 -6.26 2.63 -20.20
CB MSE A 80 -5.78 4.33 -17.41
CB MSE A 80 -6.07 4.06 -17.26
CG MSE A 80 -7.17 4.72 -17.84
CG MSE A 80 -5.58 5.41 -17.64
SE MSE A 80 -7.64 6.45 -17.13
SE MSE A 80 -6.68 6.30 -18.98
CE MSE A 80 -6.07 7.50 -17.76
CE MSE A 80 -6.59 8.08 -18.21
N MSE A 81 -4.22 3.60 -20.01
CA MSE A 81 -4.07 3.79 -21.47
C MSE A 81 -4.00 2.41 -22.17
O MSE A 81 -4.49 2.21 -23.27
CB MSE A 81 -2.81 4.59 -21.80
CG MSE A 81 -2.94 6.10 -21.50
SE MSE A 81 -1.31 7.04 -22.05
CE MSE A 81 -0.69 7.48 -20.28
N ALA A 82 -3.40 1.43 -21.50
CA ALA A 82 -3.28 0.08 -22.05
C ALA A 82 -4.64 -0.59 -22.19
N MSE A 83 -5.61 -0.21 -21.37
CA MSE A 83 -6.94 -0.79 -21.53
C MSE A 83 -7.59 -0.57 -22.91
O MSE A 83 -8.48 -1.34 -23.30
CB MSE A 83 -7.86 -0.32 -20.42
CG MSE A 83 -7.46 -0.80 -19.02
SE MSE A 83 -8.65 0.04 -17.69
CE MSE A 83 -10.15 -1.09 -17.90
N GLY A 84 -7.14 0.45 -23.65
CA GLY A 84 -7.70 0.69 -24.99
C GLY A 84 -7.24 -0.31 -26.03
N THR A 85 -6.17 -1.01 -25.70
CA THR A 85 -5.58 -2.03 -26.56
C THR A 85 -5.95 -3.44 -26.09
N TYR A 86 -6.02 -3.63 -24.76
CA TYR A 86 -6.19 -4.97 -24.13
C TYR A 86 -7.55 -5.08 -23.50
N PRO A 87 -8.50 -5.73 -24.20
CA PRO A 87 -9.89 -5.69 -23.75
C PRO A 87 -10.19 -6.47 -22.46
N GLN A 88 -9.26 -7.33 -22.05
CA GLN A 88 -9.49 -8.08 -20.81
C GLN A 88 -8.57 -7.64 -19.67
N LEU A 89 -8.02 -6.42 -19.81
CA LEU A 89 -7.21 -5.80 -18.77
C LEU A 89 -8.08 -4.88 -17.95
N ARG A 90 -7.97 -4.97 -16.62
CA ARG A 90 -8.60 -4.01 -15.72
C ARG A 90 -7.54 -3.41 -14.79
N VAL A 91 -7.90 -2.32 -14.14
CA VAL A 91 -6.98 -1.56 -13.29
C VAL A 91 -7.70 -1.15 -12.03
N VAL A 92 -7.07 -1.42 -10.88
CA VAL A 92 -7.51 -0.91 -9.59
C VAL A 92 -6.36 -0.09 -8.99
N ALA A 93 -6.69 1.11 -8.52
CA ALA A 93 -5.68 1.98 -7.87
C ALA A 93 -5.80 1.90 -6.35
N GLY A 94 -4.76 2.38 -5.63
CA GLY A 94 -4.78 2.44 -4.18
C GLY A 94 -4.12 1.23 -3.52
N LEU A 95 -3.22 0.54 -4.24
CA LEU A 95 -2.60 -0.71 -3.74
C LEU A 95 -2.20 -0.63 -2.28
N ASN A 96 -2.71 -1.58 -1.49
CA ASN A 96 -2.23 -1.81 -0.15
C ASN A 96 -2.05 -3.32 0.03
N LEU A 97 -1.44 -3.68 1.14
CA LEU A 97 -1.05 -5.10 1.28
C LEU A 97 -2.26 -6.02 1.30
N ALA A 98 -3.37 -5.59 1.92
CA ALA A 98 -4.50 -6.48 1.95
C ALA A 98 -4.96 -6.82 0.54
N MSE A 99 -4.92 -5.82 -0.34
CA MSE A 99 -5.36 -6.06 -1.72
CA MSE A 99 -5.36 -6.03 -1.71
C MSE A 99 -4.47 -7.06 -2.40
O MSE A 99 -4.97 -7.95 -3.14
CB MSE A 99 -5.39 -4.75 -2.50
CB MSE A 99 -5.39 -4.70 -2.48
CG MSE A 99 -6.50 -3.85 -2.14
CG MSE A 99 -5.88 -4.82 -3.91
SE MSE A 99 -6.07 -2.07 -2.88
SE MSE A 99 -5.75 -3.13 -4.88
CE MSE A 99 -5.34 -2.85 -4.59
CE MSE A 99 -3.94 -2.98 -5.32
N ALA A 100 -3.16 -6.96 -2.17
CA ALA A 100 -2.22 -7.86 -2.83
C ALA A 100 -2.36 -9.28 -2.31
N ILE A 101 -2.51 -9.43 -0.99
CA ILE A 101 -2.75 -10.79 -0.41
C ILE A 101 -4.02 -11.41 -0.97
N GLU A 102 -5.13 -10.65 -0.94
CA GLU A 102 -6.35 -11.23 -1.47
C GLU A 102 -6.27 -11.56 -2.96
N ALA A 103 -5.58 -10.74 -3.75
CA ALA A 103 -5.43 -11.01 -5.17
C ALA A 103 -4.67 -12.30 -5.35
N ALA A 104 -3.66 -12.50 -4.51
CA ALA A 104 -2.74 -13.62 -4.68
C ALA A 104 -3.44 -14.94 -4.47
N VAL A 105 -4.44 -14.98 -3.57
CA VAL A 105 -5.08 -16.24 -3.24
C VAL A 105 -6.48 -16.40 -3.81
N SER A 106 -6.99 -15.33 -4.43
CA SER A 106 -8.38 -15.35 -4.91
CA SER A 106 -8.38 -15.33 -4.92
C SER A 106 -8.58 -16.37 -6.02
N PRO A 107 -9.64 -17.20 -5.92
CA PRO A 107 -9.84 -18.11 -7.04
C PRO A 107 -10.76 -17.51 -8.11
N VAL A 108 -11.17 -16.24 -7.91
CA VAL A 108 -12.09 -15.56 -8.82
C VAL A 108 -11.51 -15.49 -10.24
N GLU A 109 -12.27 -15.94 -11.23
CA GLU A 109 -11.73 -16.03 -12.58
CA GLU A 109 -11.77 -16.05 -12.61
C GLU A 109 -12.12 -14.81 -13.41
N ASN A 110 -13.30 -14.27 -13.16
CA ASN A 110 -13.72 -13.12 -13.97
C ASN A 110 -13.05 -11.81 -13.52
N VAL A 111 -12.51 -11.06 -14.49
CA VAL A 111 -11.70 -9.85 -14.20
CA VAL A 111 -11.68 -9.91 -14.15
C VAL A 111 -12.47 -8.72 -13.56
N ASP A 112 -13.73 -8.53 -13.99
CA ASP A 112 -14.56 -7.49 -13.45
C ASP A 112 -14.97 -7.85 -12.01
N GLU A 113 -15.25 -9.14 -11.78
CA GLU A 113 -15.61 -9.58 -10.42
CA GLU A 113 -15.63 -9.56 -10.43
C GLU A 113 -14.41 -9.42 -9.50
N LEU A 114 -13.24 -9.79 -10.03
CA LEU A 114 -12.01 -9.70 -9.25
C LEU A 114 -11.67 -8.24 -8.92
N ALA A 115 -11.76 -7.33 -9.91
CA ALA A 115 -11.56 -5.90 -9.60
C ALA A 115 -12.54 -5.35 -8.53
N ALA A 116 -13.80 -5.75 -8.62
CA ALA A 116 -14.77 -5.25 -7.68
C ALA A 116 -14.45 -5.78 -6.26
N TYR A 117 -14.10 -7.07 -6.18
CA TYR A 117 -13.74 -7.67 -4.90
C TYR A 117 -12.53 -6.96 -4.28
N LEU A 118 -11.48 -6.73 -5.07
CA LEU A 118 -10.25 -6.14 -4.54
C LEU A 118 -10.42 -4.68 -4.20
N THR A 119 -11.32 -3.99 -4.90
CA THR A 119 -11.68 -2.65 -4.52
C THR A 119 -12.28 -2.63 -3.14
N GLN A 120 -13.22 -3.54 -2.91
CA GLN A 120 -13.83 -3.63 -1.60
C GLN A 120 -12.82 -4.00 -0.51
N ILE A 121 -11.96 -4.97 -0.80
CA ILE A 121 -10.89 -5.39 0.15
C ILE A 121 -10.03 -4.19 0.51
N GLY A 122 -9.59 -3.48 -0.53
CA GLY A 122 -8.62 -2.40 -0.33
C GLY A 122 -9.24 -1.30 0.52
N GLN A 123 -10.52 -0.98 0.30
CA GLN A 123 -11.21 0.05 1.10
C GLN A 123 -11.40 -0.40 2.52
N SER A 124 -11.83 -1.65 2.70
CA SER A 124 -12.09 -2.17 4.05
CA SER A 124 -12.10 -2.08 4.08
C SER A 124 -10.81 -2.31 4.86
N ALA A 125 -9.70 -2.42 4.14
CA ALA A 125 -8.39 -2.58 4.78
C ALA A 125 -7.90 -1.32 5.52
N VAL A 126 -8.47 -0.18 5.16
CA VAL A 126 -7.99 1.09 5.69
C VAL A 126 -8.88 1.45 6.88
N THR A 127 -8.32 1.37 8.09
CA THR A 127 -9.07 1.67 9.30
CA THR A 127 -9.07 1.66 9.29
C THR A 127 -8.15 2.22 10.37
N THR A 128 -8.73 3.00 11.29
CA THR A 128 -8.01 3.40 12.50
CA THR A 128 -8.04 3.39 12.51
C THR A 128 -8.03 2.22 13.48
N ILE A 129 -6.86 1.92 14.03
CA ILE A 129 -6.66 0.78 14.91
C ILE A 129 -6.71 1.22 16.38
N ASP A 130 -7.37 0.43 17.22
CA ASP A 130 -7.54 0.74 18.62
CA ASP A 130 -7.43 0.74 18.63
C ASP A 130 -7.29 -0.54 19.44
N LEU A 131 -6.65 -0.40 20.59
CA LEU A 131 -6.61 -1.51 21.53
C LEU A 131 -8.02 -1.65 22.05
N PRO A 132 -8.42 -2.86 22.44
CA PRO A 132 -9.71 -2.98 23.10
C PRO A 132 -9.72 -2.17 24.41
N GLU A 133 -10.86 -1.76 24.91
CA GLU A 133 -10.76 -1.35 26.31
C GLU A 133 -11.72 -2.08 27.19
N LEU A 134 -11.10 -2.91 28.00
CA LEU A 134 -11.77 -3.99 28.66
C LEU A 134 -11.32 -3.97 30.11
N THR A 135 -10.37 -3.09 30.43
CA THR A 135 -9.64 -3.13 31.70
C THR A 135 -10.58 -2.87 32.89
N MSE B 4 3.14 22.75 15.01
CA MSE B 4 3.44 21.35 15.39
CA MSE B 4 3.28 21.35 15.56
C MSE B 4 2.45 20.35 14.75
O MSE B 4 1.28 20.66 14.38
CB MSE B 4 3.59 21.13 16.92
CB MSE B 4 2.85 21.28 17.04
CG MSE B 4 4.24 22.32 17.67
CG MSE B 4 3.87 21.88 18.03
SE MSE B 4 5.44 21.82 19.16
SE MSE B 4 5.70 21.28 17.67
CE MSE B 4 6.97 21.11 18.17
CE MSE B 4 6.59 21.89 19.28
N MLY B 5 3.02 19.19 14.54
CA MLY B 5 2.58 18.10 13.71
CB MLY B 5 1.88 18.25 12.38
CG MLY B 5 3.18 18.07 11.59
CD MLY B 5 3.05 18.34 10.08
CE MLY B 5 4.44 18.21 9.44
NZ MLY B 5 4.33 17.79 8.05
CH1 MLY B 5 5.68 17.63 7.50
CH2 MLY B 5 3.59 18.80 7.26
C MLY B 5 2.86 16.77 14.33
O MLY B 5 3.96 16.59 14.84
N PRO B 6 1.93 15.79 14.24
CA PRO B 6 2.34 14.47 14.76
C PRO B 6 3.58 13.88 14.08
N LYS B 7 4.42 13.15 14.81
CA LYS B 7 5.55 12.42 14.15
C LYS B 7 4.95 11.24 13.41
N LEU B 8 5.56 10.88 12.27
CA LEU B 8 5.02 9.83 11.43
CA LEU B 8 5.01 9.84 11.44
C LEU B 8 5.95 8.65 11.44
N ILE B 9 5.35 7.45 11.49
CA ILE B 9 6.13 6.20 11.38
C ILE B 9 5.38 5.31 10.38
N LEU B 10 6.10 4.78 9.41
CA LEU B 10 5.52 3.77 8.49
C LEU B 10 6.06 2.38 8.93
N MSE B 11 5.16 1.41 9.07
CA MSE B 11 5.54 0.08 9.54
C MSE B 11 4.98 -1.01 8.64
O MSE B 11 3.80 -0.97 8.28
CB MSE B 11 4.96 -0.12 10.97
CG MSE B 11 5.73 0.58 12.00
SE MSE B 11 5.15 -0.08 13.75
CE MSE B 11 5.89 -1.81 13.96
N SER B 12 5.82 -1.97 8.28
CA SER B 12 5.38 -3.05 7.42
C SER B 12 6.13 -4.34 7.64
N HIS B 13 5.56 -5.40 7.10
CA HIS B 13 6.33 -6.59 6.81
C HIS B 13 7.40 -6.21 5.79
N GLY B 14 8.62 -6.68 5.99
CA GLY B 14 9.63 -6.50 4.97
C GLY B 14 9.91 -5.03 4.66
N ARG B 15 10.28 -4.78 3.42
CA ARG B 15 10.73 -3.44 3.05
CA ARG B 15 10.73 -3.46 3.00
C ARG B 15 9.65 -2.59 2.37
N MSE B 16 8.38 -2.99 2.49
CA MSE B 16 7.29 -2.24 1.84
C MSE B 16 7.24 -0.80 2.33
O MSE B 16 7.14 0.14 1.53
CB MSE B 16 5.93 -2.94 2.06
CG MSE B 16 4.86 -2.36 1.19
SE MSE B 16 3.14 -3.13 1.74
CE MSE B 16 1.99 -1.87 0.71
N ALA B 17 7.32 -0.63 3.67
CA ALA B 17 7.18 0.70 4.26
C ALA B 17 8.35 1.57 3.82
N GLU B 18 9.58 1.04 3.88
CA GLU B 18 10.77 1.79 3.44
C GLU B 18 10.63 2.27 1.97
N GLU B 19 10.11 1.40 1.10
CA GLU B 19 9.92 1.82 -0.30
C GLU B 19 8.74 2.72 -0.51
N THR B 20 7.71 2.55 0.29
CA THR B 20 6.61 3.51 0.23
C THR B 20 7.13 4.93 0.54
N LEU B 21 8.00 5.05 1.53
CA LEU B 21 8.54 6.39 1.89
C LEU B 21 9.30 6.90 0.67
N ALA B 22 10.16 6.04 0.12
CA ALA B 22 10.96 6.47 -1.02
C ALA B 22 10.10 6.90 -2.24
N SER B 23 9.05 6.12 -2.51
CA SER B 23 8.07 6.47 -3.53
C SER B 23 7.34 7.79 -3.22
N THR B 24 7.01 8.03 -1.95
CA THR B 24 6.39 9.29 -1.55
C THR B 24 7.32 10.46 -1.86
N GLN B 25 8.62 10.25 -1.64
CA GLN B 25 9.63 11.32 -1.89
C GLN B 25 9.80 11.64 -3.35
N MSE B 26 9.37 10.72 -4.22
CA MSE B 26 9.32 11.03 -5.66
C MSE B 26 8.25 12.03 -6.03
O MSE B 26 8.21 12.58 -7.13
CB MSE B 26 9.11 9.73 -6.43
CG MSE B 26 10.35 8.88 -6.43
SE MSE B 26 10.07 7.17 -7.34
CE MSE B 26 9.85 7.88 -9.10
N ILE B 27 7.30 12.25 -5.12
CA ILE B 27 6.16 13.06 -5.43
C ILE B 27 6.21 14.35 -4.62
N VAL B 28 6.65 14.25 -3.36
CA VAL B 28 6.67 15.42 -2.46
C VAL B 28 8.05 15.80 -1.95
N GLY B 29 9.06 15.02 -2.31
CA GLY B 29 10.44 15.32 -1.96
C GLY B 29 10.72 15.14 -0.47
N GLU B 30 11.55 16.05 0.08
CA GLU B 30 12.00 15.95 1.46
CA GLU B 30 12.02 15.99 1.46
C GLU B 30 10.93 16.23 2.50
N LEU B 31 9.76 16.71 2.07
CA LEU B 31 8.64 16.86 3.00
C LEU B 31 8.22 15.52 3.64
N ALA B 32 8.50 14.43 2.95
CA ALA B 32 8.23 13.12 3.46
C ALA B 32 9.41 12.68 4.33
N ASP B 33 9.24 12.54 5.64
N ASP B 33 9.12 12.76 5.61
CA ASP B 33 10.40 12.15 6.49
CA ASP B 33 10.00 12.34 6.66
C ASP B 33 10.13 11.16 7.64
C ASP B 33 9.07 11.54 7.53
N ALA B 34 9.21 10.25 7.43
CA ALA B 34 8.73 9.33 8.44
C ALA B 34 9.85 8.35 8.86
N ALA B 35 9.83 7.97 10.14
CA ALA B 35 10.61 6.84 10.61
C ALA B 35 9.98 5.55 10.05
N ILE B 36 10.81 4.54 9.97
CA ILE B 36 10.44 3.27 9.34
C ILE B 36 10.71 2.08 10.26
N VAL B 37 9.71 1.19 10.41
CA VAL B 37 9.97 -0.13 11.03
C VAL B 37 9.70 -1.20 9.98
N SER B 38 10.76 -1.94 9.59
CA SER B 38 10.74 -2.96 8.51
C SER B 38 10.93 -4.34 9.10
N MSE B 39 9.82 -5.05 9.41
CA MSE B 39 9.89 -6.36 10.15
C MSE B 39 10.43 -7.43 9.25
O MSE B 39 9.77 -7.79 8.28
CB MSE B 39 8.52 -6.81 10.65
CG MSE B 39 8.64 -8.16 11.38
SE MSE B 39 6.94 -8.85 11.96
CE MSE B 39 6.36 -9.49 10.26
N THR B 40 11.63 -7.93 9.56
CA THR B 40 12.13 -9.10 8.85
C THR B 40 11.59 -10.42 9.43
N ALA B 41 11.79 -11.54 8.73
CA ALA B 41 11.32 -12.81 9.29
C ALA B 41 12.14 -13.18 10.53
N GLU B 42 13.37 -12.68 10.60
CA GLU B 42 14.22 -12.92 11.79
C GLU B 42 13.73 -12.15 13.02
N ASP B 43 13.16 -10.96 12.78
CA ASP B 43 12.63 -10.14 13.89
C ASP B 43 11.54 -10.83 14.71
N GLY B 44 10.50 -11.33 14.03
CA GLY B 44 9.33 -11.78 14.77
C GLY B 44 8.70 -10.67 15.61
N LEU B 45 7.83 -11.06 16.53
CA LEU B 45 7.11 -10.14 17.39
C LEU B 45 8.05 -9.35 18.27
N SER B 46 8.97 -10.05 18.93
CA SER B 46 9.84 -9.37 19.88
C SER B 46 10.83 -8.40 19.16
N GLY B 47 11.40 -8.78 18.01
CA GLY B 47 12.29 -7.88 17.30
C GLY B 47 11.57 -6.62 16.80
N THR B 48 10.37 -6.83 16.27
CA THR B 48 9.50 -5.72 15.83
C THR B 48 9.14 -4.81 17.01
N GLN B 49 8.72 -5.40 18.12
CA GLN B 49 8.48 -4.58 19.32
C GLN B 49 9.68 -3.75 19.70
N ALA B 50 10.87 -4.35 19.64
CA ALA B 50 12.09 -3.62 20.08
C ALA B 50 12.41 -2.46 19.14
N LYS B 51 12.18 -2.66 17.85
CA LYS B 51 12.43 -1.65 16.85
C LYS B 51 11.50 -0.47 17.08
N LEU B 52 10.22 -0.75 17.28
CA LEU B 52 9.27 0.33 17.47
C LEU B 52 9.59 1.02 18.81
N ALA B 53 9.92 0.22 19.83
CA ALA B 53 10.16 0.78 21.17
C ALA B 53 11.35 1.74 21.14
N ALA B 54 12.38 1.46 20.34
CA ALA B 54 13.53 2.37 20.22
C ALA B 54 13.15 3.75 19.65
N ILE B 55 12.21 3.76 18.71
CA ILE B 55 11.73 4.97 18.08
C ILE B 55 10.85 5.76 19.07
N LEU B 56 9.93 5.05 19.71
CA LEU B 56 8.96 5.71 20.58
C LEU B 56 9.62 6.23 21.85
N LYS B 57 10.64 5.52 22.33
CA LYS B 57 11.38 5.93 23.53
C LYS B 57 12.20 7.15 23.19
N GLU B 58 12.79 7.17 22.01
CA GLU B 58 13.61 8.31 21.69
C GLU B 58 12.79 9.62 21.50
N ALA B 59 11.53 9.49 21.10
CA ALA B 59 10.65 10.65 20.95
C ALA B 59 9.96 11.06 22.24
N GLY B 60 9.66 10.11 23.11
CA GLY B 60 8.85 10.36 24.31
C GLY B 60 7.39 10.63 24.03
N ASN B 61 6.71 11.26 24.99
CA ASN B 61 5.28 11.46 24.99
C ASN B 61 4.86 12.59 24.04
N VAL B 62 5.00 12.33 22.74
CA VAL B 62 4.66 13.30 21.70
C VAL B 62 3.63 12.70 20.72
N PRO B 63 2.70 13.52 20.19
CA PRO B 63 1.74 12.98 19.22
C PRO B 63 2.45 12.26 18.09
N THR B 64 2.03 11.02 17.81
CA THR B 64 2.71 10.16 16.85
C THR B 64 1.64 9.34 16.15
N LEU B 65 1.80 9.16 14.84
CA LEU B 65 0.89 8.33 14.04
C LEU B 65 1.69 7.27 13.29
N VAL B 66 1.32 6.02 13.52
CA VAL B 66 1.85 4.90 12.74
C VAL B 66 0.87 4.60 11.59
N LEU B 67 1.37 4.60 10.37
CA LEU B 67 0.65 4.07 9.19
C LEU B 67 1.20 2.67 8.99
N ALA B 68 0.36 1.68 9.30
CA ALA B 68 0.78 0.27 9.24
C ALA B 68 0.30 -0.38 7.96
N ASP B 69 1.03 -1.36 7.46
CA ASP B 69 0.63 -2.00 6.21
C ASP B 69 -0.71 -2.72 6.24
N LEU B 70 -0.94 -3.50 7.32
CA LEU B 70 -2.00 -4.51 7.27
C LEU B 70 -2.55 -4.82 8.66
N MLY B 71 -3.85 -4.54 8.86
CA MLY B 71 -4.66 -5.06 9.93
CB MLY B 71 -6.04 -4.51 10.12
CG MLY B 71 -6.70 -5.08 11.34
CD MLY B 71 -8.17 -4.70 11.31
CE MLY B 71 -8.85 -5.09 12.61
NZ MLY B 71 -10.18 -4.46 12.74
CH1 MLY B 71 -10.86 -4.94 13.97
CH2 MLY B 71 -11.04 -4.75 11.56
C MLY B 71 -4.33 -6.42 10.39
O MLY B 71 -4.49 -7.31 9.59
N GLY B 72 -3.93 -6.61 11.66
CA GLY B 72 -3.78 -8.00 12.19
C GLY B 72 -2.46 -8.67 11.87
N GLY B 73 -1.64 -7.98 11.07
CA GLY B 73 -0.24 -8.46 10.89
C GLY B 73 0.56 -8.11 12.13
N THR B 74 1.66 -8.82 12.38
CA THR B 74 2.51 -8.53 13.53
CA THR B 74 2.47 -8.50 13.57
C THR B 74 2.93 -7.03 13.63
N PRO B 75 3.37 -6.42 12.50
CA PRO B 75 3.73 -4.97 12.64
C PRO B 75 2.59 -4.13 13.17
N CYS B 76 1.38 -4.26 12.58
CA CYS B 76 0.24 -3.49 13.06
C CYS B 76 -0.12 -3.87 14.50
N ASN B 77 0.00 -5.15 14.83
CA ASN B 77 -0.33 -5.60 16.23
C ASN B 77 0.62 -4.95 17.26
N VAL B 78 1.89 -4.86 16.89
CA VAL B 78 2.90 -4.24 17.71
C VAL B 78 2.64 -2.73 17.91
N ALA B 79 2.24 -2.05 16.83
CA ALA B 79 1.90 -0.63 16.95
C ALA B 79 0.70 -0.50 17.86
N MSE B 80 -0.30 -1.35 17.66
CA MSE B 80 -1.50 -1.28 18.49
C MSE B 80 -1.12 -1.49 19.97
O MSE B 80 -1.59 -0.76 20.85
CB MSE B 80 -2.48 -2.38 18.13
CG MSE B 80 -3.79 -2.28 18.92
SE MSE B 80 -4.94 -3.83 18.61
CE MSE B 80 -3.64 -5.19 19.22
N MSE B 81 -0.29 -2.51 20.23
CA MSE B 81 0.05 -2.79 21.66
C MSE B 81 0.85 -1.63 22.32
O MSE B 81 0.81 -1.45 23.56
CB MSE B 81 0.80 -4.13 21.79
CG MSE B 81 -0.15 -5.27 21.56
SE MSE B 81 0.68 -6.99 21.92
CE MSE B 81 1.94 -7.08 20.52
N ALA B 82 1.53 -0.84 21.50
CA ALA B 82 2.28 0.31 22.02
C ALA B 82 1.37 1.41 22.50
N MSE B 83 0.14 1.41 22.01
CA MSE B 83 -0.85 2.40 22.45
C MSE B 83 -1.24 2.20 23.92
O MSE B 83 -1.88 3.05 24.51
CB MSE B 83 -2.09 2.36 21.55
CG MSE B 83 -1.80 2.77 20.13
SE MSE B 83 -3.44 2.61 19.02
CE MSE B 83 -4.53 3.89 19.78
N GLY B 84 -0.90 1.04 24.49
CA GLY B 84 -1.08 0.82 25.93
C GLY B 84 -0.13 1.64 26.78
N THR B 85 0.99 2.06 26.17
CA THR B 85 2.10 2.77 26.82
C THR B 85 2.02 4.26 26.50
N TYR B 86 1.78 4.57 25.22
CA TYR B 86 1.89 5.97 24.70
C TYR B 86 0.54 6.58 24.41
N PRO B 87 0.07 7.52 25.27
CA PRO B 87 -1.29 7.99 25.13
C PRO B 87 -1.51 8.90 23.94
N GLN B 88 -0.44 9.37 23.30
CA GLN B 88 -0.60 10.27 22.15
C GLN B 88 -0.24 9.56 20.84
N LEU B 89 -0.13 8.23 20.90
CA LEU B 89 0.15 7.41 19.71
C LEU B 89 -1.18 6.95 19.09
N ARG B 90 -1.27 7.05 17.76
CA ARG B 90 -2.43 6.52 17.01
C ARG B 90 -1.91 5.66 15.89
N VAL B 91 -2.76 4.80 15.37
CA VAL B 91 -2.35 3.82 14.35
C VAL B 91 -3.46 3.73 13.32
N VAL B 92 -3.09 3.77 12.05
CA VAL B 92 -4.05 3.60 10.93
C VAL B 92 -3.48 2.47 10.05
N ALA B 93 -4.28 1.46 9.74
CA ALA B 93 -3.81 0.35 8.89
C ALA B 93 -4.24 0.55 7.45
N GLY B 94 -3.64 -0.22 6.53
CA GLY B 94 -4.04 -0.20 5.11
C GLY B 94 -3.23 0.75 4.26
N LEU B 95 -2.01 1.06 4.73
CA LEU B 95 -1.07 1.98 4.07
C LEU B 95 -1.09 1.87 2.55
N ASN B 96 -1.41 2.98 1.89
CA ASN B 96 -1.25 3.10 0.45
C ASN B 96 -0.58 4.43 0.11
N LEU B 97 -0.18 4.61 -1.14
CA LEU B 97 0.67 5.77 -1.44
C LEU B 97 -0.05 7.11 -1.20
N ALA B 98 -1.35 7.18 -1.51
CA ALA B 98 -2.12 8.39 -1.24
C ALA B 98 -2.07 8.79 0.23
N MSE B 99 -2.22 7.80 1.12
N MSE B 99 -2.24 7.80 1.11
CA MSE B 99 -2.11 8.07 2.57
CA MSE B 99 -2.16 8.04 2.54
C MSE B 99 -0.78 8.64 2.99
C MSE B 99 -0.80 8.66 2.94
O MSE B 99 -0.70 9.55 3.80
O MSE B 99 -0.75 9.66 3.63
CB MSE B 99 -2.39 6.80 3.33
CB MSE B 99 -2.44 6.74 3.30
CG MSE B 99 -3.80 6.41 3.25
CG MSE B 99 -2.81 6.94 4.76
SE MSE B 99 -3.96 4.61 3.90
SE MSE B 99 -2.67 5.26 5.78
CE MSE B 99 -4.11 4.97 5.81
CE MSE B 99 -3.99 4.23 4.80
N ALA B 100 0.31 8.10 2.44
CA ALA B 100 1.63 8.58 2.77
C ALA B 100 1.88 10.00 2.23
N ILE B 101 1.42 10.28 1.01
CA ILE B 101 1.57 11.60 0.43
C ILE B 101 0.78 12.61 1.26
N GLU B 102 -0.45 12.28 1.58
CA GLU B 102 -1.27 13.24 2.33
C GLU B 102 -0.75 13.45 3.77
N ALA B 103 -0.22 12.39 4.36
CA ALA B 103 0.36 12.49 5.72
C ALA B 103 1.56 13.45 5.65
N ALA B 104 2.35 13.34 4.57
CA ALA B 104 3.53 14.18 4.38
C ALA B 104 3.21 15.66 4.27
N VAL B 105 2.11 15.98 3.61
CA VAL B 105 1.76 17.37 3.31
C VAL B 105 0.71 18.01 4.22
N SER B 106 0.07 17.21 5.07
CA SER B 106 -1.02 17.70 5.88
C SER B 106 -0.51 18.64 6.95
N PRO B 107 -1.15 19.81 7.11
CA PRO B 107 -0.83 20.66 8.26
C PRO B 107 -1.64 20.30 9.49
N VAL B 108 -2.39 19.21 9.47
CA VAL B 108 -3.24 18.88 10.63
C VAL B 108 -2.37 18.61 11.85
N GLU B 109 -2.68 19.32 12.92
CA GLU B 109 -1.91 19.19 14.15
CA GLU B 109 -1.93 19.22 14.16
C GLU B 109 -2.40 18.05 15.03
N ASN B 110 -3.71 17.95 15.24
CA ASN B 110 -4.25 17.01 16.18
C ASN B 110 -4.16 15.58 15.65
N VAL B 111 -3.60 14.68 16.47
CA VAL B 111 -3.35 13.30 15.98
C VAL B 111 -4.64 12.51 15.72
N ASP B 112 -5.69 12.76 16.49
CA ASP B 112 -6.96 12.11 16.19
C ASP B 112 -7.59 12.59 14.86
N GLU B 113 -7.48 13.89 14.61
CA GLU B 113 -7.99 14.47 13.37
C GLU B 113 -7.16 13.95 12.20
N LEU B 114 -5.86 13.83 12.41
CA LEU B 114 -5.01 13.36 11.32
C LEU B 114 -5.33 11.89 10.97
N ALA B 115 -5.53 11.07 12.00
CA ALA B 115 -5.88 9.65 11.80
C ALA B 115 -7.17 9.53 11.00
N ALA B 116 -8.21 10.26 11.43
CA ALA B 116 -9.49 10.21 10.72
C ALA B 116 -9.35 10.67 9.27
N TYR B 117 -8.60 11.75 9.04
CA TYR B 117 -8.44 12.27 7.70
C TYR B 117 -7.70 11.26 6.80
N LEU B 118 -6.65 10.67 7.33
CA LEU B 118 -5.86 9.72 6.52
C LEU B 118 -6.64 8.41 6.28
N THR B 119 -7.50 8.04 7.23
CA THR B 119 -8.42 6.91 7.01
C THR B 119 -9.36 7.19 5.80
N GLN B 120 -9.95 8.40 5.74
CA GLN B 120 -10.84 8.71 4.62
CA GLN B 120 -10.82 8.79 4.62
C GLN B 120 -10.01 8.80 3.33
N ILE B 121 -8.82 9.40 3.40
CA ILE B 121 -7.93 9.50 2.23
C ILE B 121 -7.62 8.12 1.64
N GLY B 122 -7.17 7.22 2.51
CA GLY B 122 -6.81 5.88 2.10
C GLY B 122 -7.95 5.11 1.49
N GLN B 123 -9.16 5.24 2.04
CA GLN B 123 -10.31 4.56 1.47
CA GLN B 123 -10.31 4.56 1.49
C GLN B 123 -10.68 5.14 0.13
N SER B 124 -10.64 6.46 0.03
CA SER B 124 -11.03 7.15 -1.22
C SER B 124 -10.03 6.87 -2.32
N ALA B 125 -8.82 6.45 -1.92
CA ALA B 125 -7.77 6.21 -2.88
C ALA B 125 -7.89 4.90 -3.60
N VAL B 126 -8.72 4.01 -3.06
CA VAL B 126 -8.93 2.71 -3.64
C VAL B 126 -10.16 2.75 -4.55
N THR B 127 -9.93 2.61 -5.85
CA THR B 127 -11.02 2.61 -6.82
C THR B 127 -10.69 1.76 -8.00
N THR B 128 -11.72 1.27 -8.67
CA THR B 128 -11.51 0.68 -9.99
C THR B 128 -11.44 1.80 -11.04
N ILE B 129 -10.48 1.72 -11.92
CA ILE B 129 -10.37 2.75 -12.91
C ILE B 129 -11.25 2.36 -14.08
N ASP B 130 -12.34 3.10 -14.24
CA ASP B 130 -13.48 2.73 -15.09
C ASP B 130 -13.56 3.59 -16.33
N LEU B 131 -13.24 3.01 -17.48
CA LEU B 131 -13.26 3.72 -18.76
C LEU B 131 -14.63 3.79 -19.44
N PRO B 132 -14.95 4.94 -20.07
CA PRO B 132 -16.11 5.17 -20.94
C PRO B 132 -16.63 3.95 -21.71
#